data_2I8D
#
_entry.id   2I8D
#
_cell.length_a   47.946
_cell.length_b   69.276
_cell.length_c   90.872
_cell.angle_alpha   90.000
_cell.angle_beta   90.000
_cell.angle_gamma   90.000
#
_symmetry.space_group_name_H-M   'P 21 21 21'
#
loop_
_entity.id
_entity.type
_entity.pdbx_description
1 polymer 'Uncharacterized conserved protein of COG5646'
2 non-polymer 'CHLORIDE ION'
3 non-polymer 'UNKNOWN LIGAND'
4 non-polymer GLYCEROL
5 water water
#
_entity_poly.entity_id   1
_entity_poly.type   'polypeptide(L)'
_entity_poly.pdbx_seq_one_letter_code
;G(MSE)GSLAEWYQRIPTPDDLTRVESLFAN(MSE)QAQFPQLKLEFKWNQP(MSE)FTDHGTFI(MSE)GFNPSKKHLA
VAIEPQT(MSE)TRFIPQIDKAGYDHSQIIRFPWHKPLDEQLIHDLIAYTIDQKKDATTFWQR
;
_entity_poly.pdbx_strand_id   A,B
#
# COMPACT_ATOMS: atom_id res chain seq x y z
N GLY A 3 20.03 -0.24 7.78
CA GLY A 3 19.78 1.11 8.40
C GLY A 3 19.54 1.03 9.89
N SER A 4 19.60 2.19 10.56
CA SER A 4 19.25 2.27 11.98
C SER A 4 18.06 3.21 12.15
N LEU A 5 17.49 3.19 13.35
CA LEU A 5 16.37 4.04 13.70
C LEU A 5 16.78 5.52 13.65
N ALA A 6 17.99 5.82 14.12
CA ALA A 6 18.56 7.16 14.00
C ALA A 6 18.54 7.68 12.54
N GLU A 7 18.89 6.81 11.60
CA GLU A 7 18.93 7.19 10.20
C GLU A 7 17.57 7.39 9.58
N TRP A 8 16.60 6.59 10.02
CA TRP A 8 15.22 6.67 9.49
C TRP A 8 14.63 8.06 9.83
N TYR A 9 14.86 8.48 11.07
CA TYR A 9 14.34 9.76 11.53
C TYR A 9 14.91 10.88 10.67
N GLN A 10 16.16 10.67 10.22
CA GLN A 10 16.82 11.65 9.37
C GLN A 10 16.24 11.72 7.93
N ARG A 11 15.46 10.73 7.52
CA ARG A 11 14.78 10.79 6.21
CA ARG A 11 14.78 10.78 6.21
C ARG A 11 13.48 11.59 6.27
N ILE A 12 13.08 12.03 7.47
CA ILE A 12 11.88 12.85 7.62
C ILE A 12 12.26 14.26 7.13
N PRO A 13 11.48 14.81 6.17
CA PRO A 13 11.95 15.98 5.40
C PRO A 13 12.31 17.24 6.19
N THR A 14 11.50 17.62 7.17
CA THR A 14 11.67 18.88 7.89
C THR A 14 11.58 18.66 9.40
N PRO A 15 12.17 19.59 10.18
CA PRO A 15 12.03 19.59 11.64
C PRO A 15 10.57 19.52 12.17
N ASP A 16 9.67 20.27 11.57
CA ASP A 16 8.25 20.20 11.91
C ASP A 16 7.67 18.81 11.61
N ASP A 17 8.10 18.20 10.51
CA ASP A 17 7.67 16.83 10.19
C ASP A 17 8.20 15.85 11.24
N LEU A 18 9.45 16.02 11.66
CA LEU A 18 10.01 15.19 12.74
C LEU A 18 9.27 15.36 14.07
N THR A 19 8.91 16.59 14.40
CA THR A 19 8.13 16.87 15.59
C THR A 19 6.80 16.12 15.55
N ARG A 20 6.16 16.14 14.38
CA ARG A 20 4.88 15.44 14.20
C ARG A 20 5.02 13.94 14.45
N VAL A 21 6.05 13.33 13.86
CA VAL A 21 6.28 11.89 14.05
C VAL A 21 6.62 11.56 15.52
N GLU A 22 7.51 12.33 16.12
CA GLU A 22 7.87 12.11 17.53
C GLU A 22 6.64 12.20 18.47
N SER A 23 5.80 13.19 18.24
CA SER A 23 4.57 13.36 19.03
C SER A 23 3.59 12.22 18.82
N LEU A 24 3.42 11.83 17.57
CA LEU A 24 2.56 10.70 17.25
C LEU A 24 3.02 9.47 18.00
N PHE A 25 4.29 9.13 17.86
CA PHE A 25 4.81 7.96 18.53
C PHE A 25 4.60 8.04 20.04
N ALA A 26 4.95 9.18 20.63
CA ALA A 26 4.79 9.35 22.08
C ALA A 26 3.36 9.23 22.54
N ASN A 27 2.45 9.88 21.81
CA ASN A 27 1.03 9.82 22.15
C ASN A 27 0.47 8.41 22.00
N GLN A 29 2.11 5.52 22.17
CA GLN A 29 2.70 4.71 23.25
C GLN A 29 2.00 5.00 24.59
N ALA A 30 1.67 6.26 24.82
CA ALA A 30 0.94 6.63 26.03
C ALA A 30 -0.47 6.02 26.03
N GLN A 31 -1.09 5.98 24.86
CA GLN A 31 -2.48 5.49 24.74
C GLN A 31 -2.58 3.98 24.73
N PHE A 32 -1.48 3.32 24.32
CA PHE A 32 -1.42 1.86 24.20
C PHE A 32 -0.09 1.40 24.78
N PRO A 33 -0.01 1.37 26.13
CA PRO A 33 1.27 1.11 26.84
C PRO A 33 1.91 -0.25 26.58
N GLN A 34 1.11 -1.22 26.10
CA GLN A 34 1.61 -2.55 25.78
C GLN A 34 2.41 -2.61 24.46
N LEU A 35 2.20 -1.62 23.59
CA LEU A 35 2.85 -1.62 22.28
C LEU A 35 4.35 -1.46 22.42
N LYS A 36 5.07 -2.19 21.58
CA LYS A 36 6.49 -2.10 21.47
C LYS A 36 6.82 -1.40 20.15
N LEU A 37 7.69 -0.39 20.21
CA LEU A 37 8.13 0.27 19.01
C LEU A 37 9.44 -0.38 18.58
N GLU A 38 9.38 -1.17 17.52
CA GLU A 38 10.50 -1.92 17.03
C GLU A 38 10.98 -1.31 15.75
N PHE A 39 12.21 -1.64 15.36
CA PHE A 39 12.72 -1.22 14.06
C PHE A 39 13.02 -2.49 13.29
N LYS A 40 12.23 -2.78 12.26
CA LYS A 40 12.30 -4.05 11.54
C LYS A 40 12.17 -3.79 10.05
N TRP A 41 12.93 -4.55 9.26
CA TRP A 41 12.97 -4.34 7.81
C TRP A 41 13.08 -2.85 7.47
N ASN A 42 13.96 -2.17 8.20
CA ASN A 42 14.31 -0.78 7.95
C ASN A 42 13.20 0.26 8.15
N GLN A 43 12.21 -0.07 8.97
CA GLN A 43 11.22 0.92 9.37
C GLN A 43 10.74 0.67 10.79
N PRO A 44 10.31 1.74 11.47
CA PRO A 44 9.65 1.59 12.76
C PRO A 44 8.26 0.95 12.61
N PHE A 46 4.97 -0.53 15.34
CA PHE A 46 4.40 -0.94 16.60
C PHE A 46 4.03 -2.41 16.49
N THR A 47 4.40 -3.16 17.53
CA THR A 47 4.05 -4.56 17.66
C THR A 47 3.39 -4.80 19.04
N ASP A 48 2.57 -5.85 19.13
CA ASP A 48 1.90 -6.21 20.36
C ASP A 48 2.00 -7.74 20.52
N HIS A 49 2.59 -8.17 21.64
CA HIS A 49 2.82 -9.62 21.88
C HIS A 49 3.29 -10.38 20.60
N GLY A 50 4.30 -9.82 19.91
CA GLY A 50 4.94 -10.47 18.77
C GLY A 50 4.13 -10.44 17.47
N THR A 51 3.18 -9.50 17.39
CA THR A 51 2.33 -9.33 16.20
C THR A 51 2.38 -7.89 15.70
N PHE A 52 2.31 -7.74 14.37
CA PHE A 52 2.30 -6.43 13.75
C PHE A 52 1.05 -5.64 14.02
N ILE A 53 1.24 -4.39 14.42
CA ILE A 53 0.11 -3.48 14.56
C ILE A 53 0.11 -2.36 13.50
N GLY A 55 2.95 0.25 10.83
CA GLY A 55 4.29 0.62 10.38
C GLY A 55 4.30 2.05 9.86
N PHE A 56 5.50 2.61 9.69
CA PHE A 56 5.64 4.03 9.34
C PHE A 56 6.80 4.23 8.39
N ASN A 57 6.60 5.08 7.38
CA ASN A 57 7.68 5.45 6.47
C ASN A 57 7.42 6.86 5.93
N PRO A 58 8.43 7.72 5.96
CA PRO A 58 8.27 9.04 5.38
C PRO A 58 8.56 9.06 3.87
N SER A 59 7.95 10.03 3.20
CA SER A 59 8.23 10.36 1.80
C SER A 59 8.30 11.87 1.76
N LYS A 60 8.58 12.44 0.59
CA LYS A 60 8.70 13.88 0.45
C LYS A 60 7.41 14.59 0.80
N LYS A 61 6.27 14.00 0.42
CA LYS A 61 4.97 14.67 0.56
C LYS A 61 4.08 14.13 1.72
N HIS A 62 4.43 12.97 2.28
CA HIS A 62 3.58 12.37 3.30
C HIS A 62 4.29 11.41 4.23
N LEU A 63 3.62 11.15 5.35
CA LEU A 63 3.91 10.00 6.20
C LEU A 63 2.98 8.88 5.74
N ALA A 64 3.57 7.72 5.44
CA ALA A 64 2.86 6.55 5.03
C ALA A 64 2.64 5.72 6.27
N VAL A 65 1.39 5.49 6.63
CA VAL A 65 1.03 4.62 7.76
C VAL A 65 0.50 3.28 7.24
N ALA A 66 1.21 2.22 7.63
CA ALA A 66 1.00 0.86 7.13
C ALA A 66 0.13 0.12 8.11
N ILE A 67 -0.93 -0.48 7.59
CA ILE A 67 -1.90 -1.22 8.38
C ILE A 67 -2.21 -2.57 7.70
N GLU A 68 -2.80 -3.47 8.46
CA GLU A 68 -3.10 -4.83 7.98
C GLU A 68 -4.29 -4.79 7.01
N PRO A 69 -4.38 -5.80 6.12
CA PRO A 69 -5.45 -5.80 5.11
C PRO A 69 -6.86 -5.70 5.72
N GLN A 70 -7.10 -6.42 6.81
CA GLN A 70 -8.43 -6.42 7.41
C GLN A 70 -8.75 -5.07 8.01
N THR A 71 -7.75 -4.43 8.58
CA THR A 71 -7.92 -3.08 9.10
C THR A 71 -8.27 -2.09 7.99
N THR A 73 -9.66 -2.73 5.06
CA THR A 73 -11.02 -3.11 4.66
C THR A 73 -12.07 -2.56 5.60
N ARG A 74 -11.84 -2.72 6.89
CA ARG A 74 -12.80 -2.22 7.89
CA ARG A 74 -12.84 -2.15 7.95
C ARG A 74 -12.92 -0.70 7.93
N PHE A 75 -11.88 0.03 7.57
CA PHE A 75 -11.87 1.46 7.81
C PHE A 75 -12.06 2.29 6.54
N ILE A 76 -12.27 1.68 5.37
CA ILE A 76 -12.35 2.46 4.12
C ILE A 76 -13.32 3.63 4.27
N PRO A 77 -14.56 3.36 4.72
CA PRO A 77 -15.52 4.47 4.88
C PRO A 77 -14.98 5.62 5.75
N GLN A 78 -14.35 5.28 6.87
CA GLN A 78 -13.88 6.27 7.83
C GLN A 78 -12.62 7.01 7.32
N ILE A 79 -11.79 6.31 6.57
CA ILE A 79 -10.57 6.91 5.96
C ILE A 79 -10.99 7.91 4.88
N ASP A 80 -11.97 7.52 4.06
CA ASP A 80 -12.47 8.39 2.99
C ASP A 80 -13.09 9.67 3.59
N LYS A 81 -13.87 9.49 4.65
CA LYS A 81 -14.52 10.61 5.33
C LYS A 81 -13.50 11.57 5.94
N ALA A 82 -12.39 11.04 6.46
CA ALA A 82 -11.31 11.86 7.01
C ALA A 82 -10.49 12.58 5.94
N GLY A 83 -10.69 12.19 4.68
CA GLY A 83 -10.08 12.87 3.55
C GLY A 83 -8.68 12.41 3.17
N TYR A 84 -8.35 11.14 3.44
CA TYR A 84 -7.01 10.64 3.14
C TYR A 84 -7.05 9.57 2.05
N ASP A 85 -6.06 9.62 1.19
CA ASP A 85 -5.87 8.59 0.16
C ASP A 85 -5.26 7.34 0.78
N HIS A 86 -5.50 6.21 0.15
CA HIS A 86 -4.95 4.96 0.65
C HIS A 86 -4.50 4.15 -0.57
N SER A 87 -3.60 3.18 -0.35
CA SER A 87 -3.05 2.37 -1.39
C SER A 87 -2.78 0.96 -0.87
N GLN A 88 -3.08 -0.06 -1.70
CA GLN A 88 -2.78 -1.43 -1.39
C GLN A 88 -2.01 -1.99 -2.58
N ILE A 89 -0.78 -2.41 -2.31
CA ILE A 89 0.14 -2.82 -3.37
C ILE A 89 0.78 -4.17 -3.04
N ILE A 90 1.04 -4.91 -4.12
CA ILE A 90 1.89 -6.08 -4.09
C ILE A 90 3.23 -5.73 -4.72
N ARG A 91 4.31 -6.13 -4.06
CA ARG A 91 5.66 -5.83 -4.56
CA ARG A 91 5.65 -5.83 -4.56
C ARG A 91 6.15 -7.01 -5.38
N PHE A 92 6.39 -6.77 -6.67
CA PHE A 92 6.95 -7.75 -7.57
C PHE A 92 8.43 -7.38 -7.86
N PRO A 93 9.37 -8.03 -7.14
CA PRO A 93 10.79 -7.67 -7.35
C PRO A 93 11.27 -7.86 -8.79
N TRP A 94 12.10 -6.96 -9.27
CA TRP A 94 12.61 -7.06 -10.64
C TRP A 94 13.43 -8.34 -10.81
N HIS A 95 14.08 -8.76 -9.72
CA HIS A 95 15.00 -9.89 -9.72
CA HIS A 95 14.98 -9.90 -9.80
C HIS A 95 14.34 -11.25 -9.49
N LYS A 96 13.03 -11.27 -9.28
CA LYS A 96 12.27 -12.51 -9.10
C LYS A 96 11.31 -12.69 -10.29
N PRO A 97 10.90 -13.94 -10.56
CA PRO A 97 9.86 -14.16 -11.57
C PRO A 97 8.58 -13.34 -11.28
N LEU A 98 7.90 -12.93 -12.36
CA LEU A 98 6.61 -12.24 -12.28
C LEU A 98 5.49 -13.28 -12.51
N ASP A 99 4.69 -13.48 -11.48
CA ASP A 99 3.55 -14.41 -11.52
C ASP A 99 2.38 -13.75 -12.23
N GLU A 100 2.32 -13.91 -13.57
CA GLU A 100 1.24 -13.30 -14.34
C GLU A 100 -0.11 -13.97 -14.13
N GLN A 101 -0.11 -15.22 -13.68
CA GLN A 101 -1.38 -15.89 -13.39
C GLN A 101 -2.02 -15.22 -12.21
N LEU A 102 -1.22 -14.92 -11.18
CA LEU A 102 -1.71 -14.13 -10.03
C LEU A 102 -2.28 -12.77 -10.46
N ILE A 103 -1.53 -12.06 -11.28
CA ILE A 103 -1.95 -10.73 -11.75
C ILE A 103 -3.27 -10.86 -12.55
N HIS A 104 -3.33 -11.88 -13.39
CA HIS A 104 -4.55 -12.21 -14.15
C HIS A 104 -5.75 -12.46 -13.21
N ASP A 105 -5.54 -13.26 -12.19
CA ASP A 105 -6.61 -13.57 -11.23
C ASP A 105 -7.10 -12.35 -10.43
N LEU A 106 -6.18 -11.45 -10.07
CA LEU A 106 -6.53 -10.21 -9.39
C LEU A 106 -7.41 -9.36 -10.28
N ILE A 107 -7.03 -9.25 -11.58
CA ILE A 107 -7.80 -8.47 -12.53
C ILE A 107 -9.21 -9.09 -12.71
N ALA A 108 -9.24 -10.39 -12.95
CA ALA A 108 -10.52 -11.06 -13.17
C ALA A 108 -11.47 -10.89 -12.00
N TYR A 109 -10.96 -11.11 -10.80
CA TYR A 109 -11.82 -10.93 -9.61
C TYR A 109 -12.35 -9.50 -9.50
N THR A 110 -11.46 -8.51 -9.70
CA THR A 110 -11.88 -7.12 -9.56
C THR A 110 -12.92 -6.69 -10.61
N ILE A 111 -12.71 -7.12 -11.85
CA ILE A 111 -13.64 -6.91 -12.94
C ILE A 111 -15.02 -7.47 -12.54
N ASP A 112 -15.06 -8.69 -12.00
CA ASP A 112 -16.33 -9.29 -11.59
C ASP A 112 -16.99 -8.49 -10.48
N GLN A 113 -16.21 -8.10 -9.46
CA GLN A 113 -16.76 -7.39 -8.29
C GLN A 113 -17.24 -5.97 -8.64
N LYS A 114 -16.64 -5.36 -9.65
CA LYS A 114 -16.91 -3.96 -10.02
C LYS A 114 -17.84 -3.80 -11.23
N LYS A 115 -18.49 -4.92 -11.62
CA LYS A 115 -19.39 -5.01 -12.76
C LYS A 115 -20.38 -3.84 -12.75
N ASP A 116 -20.91 -3.55 -11.57
CA ASP A 116 -21.96 -2.55 -11.41
C ASP A 116 -21.51 -1.32 -10.62
N ALA A 117 -20.20 -1.05 -10.63
CA ALA A 117 -19.68 0.05 -9.84
C ALA A 117 -20.13 1.40 -10.40
N THR A 118 -20.46 2.34 -9.51
CA THR A 118 -20.90 3.67 -9.93
C THR A 118 -19.89 4.77 -9.57
N THR A 119 -18.73 4.37 -9.08
CA THR A 119 -17.65 5.29 -8.72
C THR A 119 -16.33 4.73 -9.24
N PHE A 120 -15.34 5.58 -9.40
CA PHE A 120 -14.03 5.14 -9.91
C PHE A 120 -13.33 4.20 -8.92
N TRP A 121 -13.33 4.55 -7.64
CA TRP A 121 -12.70 3.79 -6.57
C TRP A 121 -13.73 3.05 -5.74
N GLN A 122 -13.31 1.93 -5.17
CA GLN A 122 -14.08 1.27 -4.15
C GLN A 122 -14.21 2.20 -2.96
N ARG A 123 -15.45 2.36 -2.49
CA ARG A 123 -15.76 3.18 -1.34
CA ARG A 123 -15.73 3.17 -1.32
C ARG A 123 -16.27 2.31 -0.19
N GLY B 3 2.31 14.51 -15.58
CA GLY B 3 3.34 14.04 -16.56
C GLY B 3 2.72 13.32 -17.76
N SER B 4 3.26 12.16 -18.10
CA SER B 4 2.74 11.36 -19.21
C SER B 4 3.23 9.93 -19.14
N LEU B 5 2.57 9.07 -19.90
CA LEU B 5 2.87 7.65 -19.91
C LEU B 5 4.29 7.44 -20.40
N ALA B 6 4.68 8.17 -21.44
CA ALA B 6 6.07 8.14 -21.95
C ALA B 6 7.08 8.45 -20.84
N GLU B 7 6.81 9.51 -20.09
CA GLU B 7 7.68 9.90 -19.00
C GLU B 7 7.72 8.82 -17.91
N TRP B 8 6.56 8.25 -17.58
CA TRP B 8 6.49 7.17 -16.62
C TRP B 8 7.36 5.96 -17.01
N TYR B 9 7.32 5.58 -18.28
CA TYR B 9 8.10 4.43 -18.72
C TYR B 9 9.60 4.69 -18.51
N GLN B 10 9.99 5.97 -18.59
CA GLN B 10 11.39 6.34 -18.37
C GLN B 10 11.83 6.14 -16.91
N ARG B 11 10.89 6.04 -15.98
CA ARG B 11 11.19 5.76 -14.56
CA ARG B 11 11.17 5.76 -14.56
C ARG B 11 11.55 4.30 -14.27
N ILE B 12 11.27 3.40 -15.21
CA ILE B 12 11.60 1.97 -15.03
C ILE B 12 13.13 1.82 -15.13
N PRO B 13 13.75 1.19 -14.12
CA PRO B 13 15.23 1.34 -14.02
C PRO B 13 16.14 0.66 -15.05
N THR B 14 15.75 -0.45 -15.68
CA THR B 14 16.63 -1.12 -16.63
C THR B 14 15.88 -1.54 -17.89
N PRO B 15 16.58 -1.74 -19.02
CA PRO B 15 15.90 -2.29 -20.20
C PRO B 15 15.12 -3.59 -19.98
N ASP B 16 15.68 -4.54 -19.22
CA ASP B 16 14.98 -5.81 -19.00
C ASP B 16 13.72 -5.58 -18.18
N ASP B 17 13.76 -4.63 -17.24
CA ASP B 17 12.60 -4.26 -16.44
C ASP B 17 11.52 -3.62 -17.33
N LEU B 18 11.94 -2.73 -18.23
CA LEU B 18 11.03 -2.19 -19.24
C LEU B 18 10.33 -3.27 -20.09
N THR B 19 11.08 -4.26 -20.59
CA THR B 19 10.53 -5.34 -21.36
C THR B 19 9.47 -6.12 -20.55
N ARG B 20 9.79 -6.39 -19.29
CA ARG B 20 8.86 -7.05 -18.37
C ARG B 20 7.55 -6.27 -18.32
N VAL B 21 7.62 -4.96 -18.11
CA VAL B 21 6.40 -4.13 -17.96
C VAL B 21 5.63 -4.11 -19.27
N GLU B 22 6.35 -3.92 -20.38
CA GLU B 22 5.70 -3.92 -21.70
C GLU B 22 4.97 -5.25 -21.99
N SER B 23 5.63 -6.37 -21.72
CA SER B 23 5.02 -7.67 -21.92
C SER B 23 3.81 -7.89 -21.01
N LEU B 24 3.92 -7.48 -19.74
CA LEU B 24 2.81 -7.62 -18.79
C LEU B 24 1.59 -6.86 -19.27
N PHE B 25 1.78 -5.61 -19.67
CA PHE B 25 0.65 -4.83 -20.17
C PHE B 25 0.00 -5.48 -21.41
N ALA B 26 0.84 -5.91 -22.34
CA ALA B 26 0.35 -6.54 -23.55
C ALA B 26 -0.42 -7.83 -23.24
N ASN B 27 0.11 -8.67 -22.35
CA ASN B 27 -0.50 -9.93 -21.99
C ASN B 27 -1.85 -9.72 -21.30
N GLN B 29 -3.78 -6.99 -21.48
CA GLN B 29 -4.72 -6.42 -22.47
C GLN B 29 -5.25 -7.47 -23.44
N ALA B 30 -4.40 -8.42 -23.85
CA ALA B 30 -4.89 -9.55 -24.65
C ALA B 30 -5.88 -10.45 -23.90
N GLN B 31 -5.63 -10.68 -22.61
CA GLN B 31 -6.51 -11.53 -21.80
C GLN B 31 -7.83 -10.86 -21.40
N PHE B 32 -7.80 -9.53 -21.33
CA PHE B 32 -8.93 -8.71 -20.87
C PHE B 32 -9.10 -7.58 -21.86
N PRO B 33 -9.66 -7.90 -23.03
CA PRO B 33 -9.75 -6.88 -24.07
C PRO B 33 -10.61 -5.65 -23.75
N GLN B 34 -11.48 -5.74 -22.74
CA GLN B 34 -12.31 -4.60 -22.30
C GLN B 34 -11.53 -3.50 -21.53
N LEU B 35 -10.36 -3.85 -21.00
CA LEU B 35 -9.60 -2.93 -20.18
C LEU B 35 -9.04 -1.79 -21.03
N LYS B 36 -9.09 -0.57 -20.48
CA LYS B 36 -8.35 0.57 -21.03
C LYS B 36 -7.13 0.81 -20.17
N LEU B 37 -5.99 1.11 -20.80
CA LEU B 37 -4.81 1.56 -20.09
C LEU B 37 -4.82 3.08 -20.11
N GLU B 38 -5.18 3.67 -18.98
CA GLU B 38 -5.24 5.12 -18.80
C GLU B 38 -4.08 5.65 -17.98
N PHE B 39 -3.80 6.93 -18.12
CA PHE B 39 -2.73 7.54 -17.34
C PHE B 39 -3.39 8.61 -16.46
N LYS B 40 -3.45 8.34 -15.16
CA LYS B 40 -4.17 9.20 -14.21
C LYS B 40 -3.37 9.36 -12.93
N TRP B 41 -3.33 10.60 -12.39
CA TRP B 41 -2.59 10.90 -11.16
C TRP B 41 -1.17 10.35 -11.26
N ASN B 42 -0.59 10.58 -12.43
CA ASN B 42 0.81 10.31 -12.73
C ASN B 42 1.20 8.83 -12.68
N GLN B 43 0.26 7.93 -12.96
CA GLN B 43 0.59 6.56 -13.14
C GLN B 43 -0.36 5.84 -14.11
N PRO B 44 0.13 4.73 -14.72
CA PRO B 44 -0.77 3.92 -15.54
C PRO B 44 -1.75 3.13 -14.70
N PHE B 46 -5.19 0.32 -15.29
CA PHE B 46 -6.23 -0.38 -16.04
C PHE B 46 -7.57 0.03 -15.47
N THR B 47 -8.49 0.38 -16.36
CA THR B 47 -9.85 0.68 -16.01
C THR B 47 -10.82 -0.17 -16.84
N ASP B 48 -12.00 -0.36 -16.31
CA ASP B 48 -13.08 -1.09 -17.00
C ASP B 48 -14.36 -0.30 -16.85
N HIS B 49 -15.00 0.05 -17.98
CA HIS B 49 -16.20 0.90 -17.96
C HIS B 49 -16.04 2.07 -17.00
N GLY B 50 -14.86 2.68 -16.99
CA GLY B 50 -14.59 3.88 -16.19
C GLY B 50 -14.37 3.68 -14.70
N THR B 51 -14.12 2.44 -14.27
CA THR B 51 -13.82 2.18 -12.86
C THR B 51 -12.39 1.61 -12.75
N PHE B 52 -11.77 1.84 -11.60
CA PHE B 52 -10.41 1.37 -11.36
C PHE B 52 -10.36 -0.15 -11.24
N ILE B 53 -9.36 -0.74 -11.89
CA ILE B 53 -9.04 -2.16 -11.76
C ILE B 53 -7.63 -2.41 -11.19
N GLY B 55 -3.43 -0.53 -10.75
CA GLY B 55 -2.40 0.52 -11.00
C GLY B 55 -0.97 -0.02 -10.96
N PHE B 56 -0.05 0.77 -11.53
CA PHE B 56 1.36 0.37 -11.62
C PHE B 56 2.32 1.50 -11.29
N ASN B 57 3.42 1.12 -10.65
CA ASN B 57 4.49 2.10 -10.39
C ASN B 57 5.81 1.38 -10.17
N PRO B 58 6.87 1.84 -10.82
CA PRO B 58 8.17 1.24 -10.55
C PRO B 58 8.91 1.86 -9.34
N SER B 59 9.78 1.06 -8.77
CA SER B 59 10.76 1.55 -7.80
C SER B 59 12.08 0.91 -8.16
N LYS B 60 13.14 1.25 -7.43
CA LYS B 60 14.43 0.66 -7.73
C LYS B 60 14.41 -0.88 -7.68
N LYS B 61 13.69 -1.44 -6.71
CA LYS B 61 13.72 -2.89 -6.44
C LYS B 61 12.54 -3.68 -6.99
N HIS B 62 11.42 -3.02 -7.24
CA HIS B 62 10.23 -3.75 -7.66
C HIS B 62 9.28 -2.95 -8.52
N LEU B 63 8.36 -3.69 -9.13
CA LEU B 63 7.13 -3.15 -9.70
C LEU B 63 6.07 -3.24 -8.60
N ALA B 64 5.41 -2.11 -8.29
CA ALA B 64 4.30 -2.05 -7.33
C ALA B 64 3.02 -2.17 -8.12
N VAL B 65 2.25 -3.20 -7.84
CA VAL B 65 0.92 -3.42 -8.42
C VAL B 65 -0.16 -3.05 -7.37
N ALA B 66 -0.94 -2.05 -7.73
CA ALA B 66 -1.95 -1.43 -6.89
C ALA B 66 -3.30 -2.10 -7.19
N ILE B 67 -3.98 -2.53 -6.14
CA ILE B 67 -5.23 -3.22 -6.26
C ILE B 67 -6.20 -2.68 -5.22
N GLU B 68 -7.48 -2.98 -5.39
CA GLU B 68 -8.49 -2.45 -4.47
C GLU B 68 -8.46 -3.19 -3.12
N PRO B 69 -8.98 -2.53 -2.05
CA PRO B 69 -8.97 -3.19 -0.73
C PRO B 69 -9.63 -4.56 -0.68
N GLN B 70 -10.79 -4.70 -1.29
CA GLN B 70 -11.52 -5.97 -1.30
C GLN B 70 -10.70 -7.06 -1.99
N THR B 71 -10.03 -6.69 -3.09
CA THR B 71 -9.16 -7.59 -3.82
C THR B 71 -7.97 -8.03 -2.97
N THR B 73 -7.69 -8.03 0.38
CA THR B 73 -8.29 -8.93 1.39
C THR B 73 -8.61 -10.34 0.87
N ARG B 74 -9.24 -10.43 -0.28
CA ARG B 74 -9.58 -11.72 -0.86
C ARG B 74 -8.35 -12.59 -1.14
N PHE B 75 -7.26 -11.97 -1.56
CA PHE B 75 -6.17 -12.70 -2.17
C PHE B 75 -4.97 -12.89 -1.23
N ILE B 76 -5.07 -12.43 0.01
CA ILE B 76 -3.88 -12.56 0.92
C ILE B 76 -3.29 -13.98 0.92
N PRO B 77 -4.12 -15.03 1.09
CA PRO B 77 -3.53 -16.39 1.07
C PRO B 77 -2.77 -16.75 -0.22
N GLN B 78 -3.31 -16.32 -1.35
CA GLN B 78 -2.71 -16.62 -2.64
C GLN B 78 -1.43 -15.79 -2.89
N ILE B 79 -1.45 -14.54 -2.43
CA ILE B 79 -0.27 -13.67 -2.52
C ILE B 79 0.88 -14.24 -1.68
N ASP B 80 0.56 -14.69 -0.47
CA ASP B 80 1.55 -15.24 0.47
C ASP B 80 2.13 -16.51 -0.10
N LYS B 81 1.26 -17.38 -0.61
CA LYS B 81 1.69 -18.64 -1.24
C LYS B 81 2.61 -18.38 -2.41
N ALA B 82 2.31 -17.33 -3.18
CA ALA B 82 3.12 -16.93 -4.31
C ALA B 82 4.47 -16.31 -3.90
N GLY B 83 4.60 -15.95 -2.62
CA GLY B 83 5.84 -15.40 -2.07
C GLY B 83 6.11 -13.93 -2.32
N TYR B 84 5.09 -13.11 -2.43
CA TYR B 84 5.31 -11.69 -2.62
C TYR B 84 4.82 -10.96 -1.39
N ASP B 85 5.54 -9.91 -1.04
CA ASP B 85 5.15 -8.98 0.02
C ASP B 85 4.03 -8.03 -0.48
N HIS B 86 3.26 -7.53 0.48
CA HIS B 86 2.16 -6.64 0.16
C HIS B 86 2.12 -5.56 1.24
N SER B 87 1.55 -4.44 0.86
CA SER B 87 1.47 -3.30 1.77
C SER B 87 0.18 -2.55 1.60
N GLN B 88 -0.38 -2.08 2.72
CA GLN B 88 -1.60 -1.30 2.72
C GLN B 88 -1.34 -0.04 3.52
N ILE B 89 -1.36 1.11 2.84
CA ILE B 89 -0.98 2.35 3.49
C ILE B 89 -2.01 3.45 3.33
N ILE B 90 -2.06 4.33 4.34
CA ILE B 90 -2.77 5.58 4.31
C ILE B 90 -1.75 6.69 4.21
N ARG B 91 -1.96 7.63 3.29
CA ARG B 91 -1.06 8.75 3.10
CA ARG B 91 -1.09 8.77 3.08
C ARG B 91 -1.56 9.95 3.92
N PHE B 92 -0.74 10.39 4.88
CA PHE B 92 -1.04 11.54 5.72
C PHE B 92 -0.09 12.65 5.25
N PRO B 93 -0.60 13.55 4.41
CA PRO B 93 0.31 14.57 3.89
C PRO B 93 0.91 15.47 4.98
N TRP B 94 2.19 15.83 4.80
CA TRP B 94 2.87 16.67 5.79
C TRP B 94 2.20 18.02 5.96
N HIS B 95 1.65 18.54 4.87
CA HIS B 95 1.01 19.87 4.83
CA HIS B 95 1.04 19.88 4.93
C HIS B 95 -0.45 19.90 5.30
N LYS B 96 -1.02 18.73 5.64
CA LYS B 96 -2.42 18.62 6.11
C LYS B 96 -2.42 18.15 7.57
N PRO B 97 -3.50 18.45 8.31
CA PRO B 97 -3.59 17.96 9.69
C PRO B 97 -3.52 16.43 9.76
N LEU B 98 -2.90 15.93 10.83
CA LEU B 98 -2.82 14.51 11.11
C LEU B 98 -3.88 14.14 12.14
N ASP B 99 -4.83 13.31 11.71
CA ASP B 99 -5.96 12.90 12.53
C ASP B 99 -5.53 11.76 13.46
N GLU B 100 -5.14 12.12 14.69
CA GLU B 100 -4.65 11.13 15.64
C GLU B 100 -5.78 10.22 16.18
N GLN B 101 -7.01 10.71 16.17
CA GLN B 101 -8.14 9.82 16.51
C GLN B 101 -8.26 8.67 15.54
N LEU B 102 -8.08 8.93 14.24
CA LEU B 102 -8.13 7.87 13.23
C LEU B 102 -7.00 6.86 13.48
N ILE B 103 -5.79 7.36 13.72
CA ILE B 103 -4.64 6.47 14.01
C ILE B 103 -4.93 5.65 15.31
N HIS B 104 -5.38 6.32 16.37
CA HIS B 104 -5.82 5.62 17.59
C HIS B 104 -6.84 4.49 17.25
N ASP B 105 -7.91 4.84 16.54
CA ASP B 105 -8.92 3.83 16.22
C ASP B 105 -8.38 2.62 15.40
N LEU B 106 -7.51 2.93 14.44
CA LEU B 106 -6.85 1.89 13.63
C LEU B 106 -6.04 0.93 14.50
N ILE B 107 -5.27 1.48 15.43
CA ILE B 107 -4.50 0.69 16.36
C ILE B 107 -5.40 -0.12 17.27
N ALA B 108 -6.42 0.50 17.85
CA ALA B 108 -7.30 -0.21 18.79
C ALA B 108 -7.97 -1.40 18.12
N TYR B 109 -8.46 -1.17 16.90
CA TYR B 109 -9.11 -2.25 16.14
C TYR B 109 -8.14 -3.38 15.85
N THR B 110 -6.91 -3.03 15.46
CA THR B 110 -5.95 -4.04 15.09
C THR B 110 -5.54 -4.85 16.32
N ILE B 111 -5.32 -4.16 17.45
CA ILE B 111 -4.99 -4.83 18.70
C ILE B 111 -6.06 -5.87 19.06
N ASP B 112 -7.31 -5.43 19.02
CA ASP B 112 -8.42 -6.33 19.36
C ASP B 112 -8.41 -7.53 18.39
N GLN B 113 -8.28 -7.27 17.10
CA GLN B 113 -8.25 -8.35 16.13
C GLN B 113 -7.06 -9.31 16.30
N LYS B 114 -5.93 -8.84 16.81
CA LYS B 114 -4.74 -9.67 16.97
C LYS B 114 -4.60 -10.34 18.34
N LYS B 115 -5.61 -10.19 19.20
CA LYS B 115 -5.51 -10.67 20.57
C LYS B 115 -5.05 -12.12 20.63
N ASP B 116 -5.59 -12.98 19.78
CA ASP B 116 -5.26 -14.41 19.82
C ASP B 116 -4.41 -14.84 18.62
N ALA B 117 -3.76 -13.89 17.95
CA ALA B 117 -2.97 -14.18 16.75
C ALA B 117 -1.71 -14.99 17.08
N THR B 118 -1.36 -15.88 16.16
CA THR B 118 -0.20 -16.79 16.32
C THR B 118 0.90 -16.58 15.27
N THR B 119 0.75 -15.55 14.43
CA THR B 119 1.77 -15.15 13.47
C THR B 119 2.00 -13.66 13.60
N PHE B 120 3.14 -13.21 13.10
CA PHE B 120 3.47 -11.78 13.09
C PHE B 120 2.55 -10.96 12.20
N TRP B 121 2.37 -11.44 10.97
CA TRP B 121 1.51 -10.79 9.98
C TRP B 121 0.19 -11.51 9.84
N GLN B 122 -0.84 -10.74 9.48
CA GLN B 122 -2.11 -11.31 9.08
C GLN B 122 -1.88 -12.19 7.85
N ARG B 123 -2.45 -13.40 7.91
CA ARG B 123 -2.32 -14.37 6.83
CA ARG B 123 -2.33 -14.44 6.89
C ARG B 123 -3.68 -14.69 6.26
#